data_7BGU
#
_entry.id   7BGU
#
_cell.length_a   29.068
_cell.length_b   67.893
_cell.length_c   69.739
_cell.angle_alpha   77.070
_cell.angle_beta   83.340
_cell.angle_gamma   83.180
#
_symmetry.space_group_name_H-M   'P 1'
#
loop_
_entity.id
_entity.type
_entity.pdbx_description
1 polymer 'Gag-Pro-Pol polyprotein'
2 polymer 'peptidomimetic inhibitor'
3 non-polymer 'PENTAETHYLENE GLYCOL'
4 water water
#
loop_
_entity_poly.entity_id
_entity_poly.type
_entity_poly.pdbx_seq_one_letter_code
_entity_poly.pdbx_strand_id
1 'polypeptide(L)'
;WVQPITAQKPSLTLWLDDKMFTGLINTGADVTIIKLEDWPPNWPITDTLTNLRGIGQSNNPKQSSKYLTWRDKENNSGLI
KPFVIPNLPVNLWGRDLLSQMKIMMASPNDIVTA
;
A,B,C,D
2 'polypeptide(L)' P(0A1)V(PSA)AMT G,F
#
loop_
_chem_comp.id
_chem_comp.type
_chem_comp.name
_chem_comp.formula
1PE non-polymer 'PENTAETHYLENE GLYCOL' 'C10 H22 O6'
PSA peptide-like '3-HYDROXY-4-AMINO-5-PHENYLPENTANOIC ACID' 'C11 H15 N O3'
#
# COMPACT_ATOMS: atom_id res chain seq x y z
N TRP A 1 25.87 24.74 6.36
CA TRP A 1 26.33 23.37 6.11
C TRP A 1 26.11 22.97 4.65
N VAL A 2 26.73 21.87 4.25
CA VAL A 2 26.69 21.41 2.86
C VAL A 2 26.52 19.89 2.85
N GLN A 3 25.53 19.40 2.10
CA GLN A 3 25.29 17.97 2.01
C GLN A 3 25.15 17.57 0.55
N PRO A 4 26.00 16.68 0.04
CA PRO A 4 25.83 16.19 -1.33
C PRO A 4 24.69 15.18 -1.41
N ILE A 5 23.98 15.19 -2.54
CA ILE A 5 22.93 14.21 -2.76
C ILE A 5 23.56 12.95 -3.34
N THR A 6 23.44 11.85 -2.61
CA THR A 6 24.01 10.59 -3.06
C THR A 6 22.92 9.53 -3.04
N ALA A 7 23.32 8.27 -3.23
CA ALA A 7 22.39 7.15 -3.12
C ALA A 7 21.96 6.95 -1.68
N GLN A 8 22.77 7.39 -0.73
CA GLN A 8 22.42 7.26 0.67
C GLN A 8 21.34 8.28 1.05
N LYS A 9 20.55 7.93 2.05
CA LYS A 9 19.47 8.79 2.48
C LYS A 9 20.00 10.09 3.04
N PRO A 10 19.61 11.23 2.49
CA PRO A 10 20.04 12.53 3.03
C PRO A 10 19.30 12.83 4.33
N SER A 11 20.06 13.15 5.37
CA SER A 11 19.55 13.04 6.72
C SER A 11 19.80 14.33 7.50
N LEU A 12 18.86 14.62 8.38
CA LEU A 12 18.94 15.83 9.16
C LEU A 12 18.45 15.53 10.56
N THR A 13 19.21 15.97 11.55
CA THR A 13 18.86 15.83 12.95
C THR A 13 18.57 17.20 13.54
N LEU A 14 17.42 17.35 14.18
CA LEU A 14 17.11 18.63 14.80
C LEU A 14 16.15 18.46 15.99
N TRP A 15 15.91 19.53 16.70
CA TRP A 15 14.96 19.53 17.81
C TRP A 15 13.59 20.01 17.34
N LEU A 16 12.57 19.29 17.78
CA LEU A 16 11.15 19.71 17.62
C LEU A 16 10.76 19.95 19.07
N ASP A 17 10.42 21.19 19.43
CA ASP A 17 10.17 21.48 20.87
C ASP A 17 11.43 21.07 21.63
N ASP A 18 11.33 20.20 22.64
CA ASP A 18 12.53 19.81 23.43
C ASP A 18 13.04 18.40 23.06
N LYS A 19 12.54 17.78 21.99
CA LYS A 19 12.96 16.42 21.67
C LYS A 19 13.82 16.43 20.42
N MET A 20 14.77 15.52 20.37
CA MET A 20 15.59 15.35 19.17
C MET A 20 14.95 14.35 18.23
N PHE A 21 14.87 14.69 16.95
CA PHE A 21 14.40 13.81 15.89
C PHE A 21 15.39 13.78 14.74
N THR A 22 15.51 12.62 14.11
CA THR A 22 16.29 12.48 12.88
C THR A 22 15.35 12.12 11.73
N GLY A 23 15.58 12.71 10.57
CA GLY A 23 14.68 12.47 9.47
C GLY A 23 15.33 12.64 8.11
N LEU A 24 14.56 12.23 7.12
CA LEU A 24 14.98 12.26 5.72
C LEU A 24 14.63 13.62 5.12
N ILE A 25 15.63 14.28 4.52
CA ILE A 25 15.35 15.47 3.72
C ILE A 25 14.56 15.07 2.48
N ASN A 26 13.33 15.57 2.38
CA ASN A 26 12.35 15.07 1.39
C ASN A 26 11.78 16.25 0.59
N THR A 27 12.52 16.70 -0.41
CA THR A 27 12.02 17.77 -1.25
C THR A 27 10.74 17.39 -1.98
N GLY A 28 10.39 16.11 -2.00
CA GLY A 28 9.14 15.69 -2.66
C GLY A 28 7.87 15.98 -1.87
N ALA A 29 7.98 16.35 -0.59
CA ALA A 29 6.80 16.58 0.25
C ALA A 29 6.65 18.05 0.61
N ASP A 30 5.41 18.54 0.55
CA ASP A 30 5.12 19.90 0.98
C ASP A 30 5.13 20.02 2.50
N VAL A 31 4.79 18.94 3.19
CA VAL A 31 4.58 18.94 4.63
C VAL A 31 5.55 17.95 5.28
N THR A 32 5.75 18.15 6.58
CA THR A 32 6.67 17.33 7.37
C THR A 32 5.86 16.26 8.06
N ILE A 33 6.45 15.06 8.12
CA ILE A 33 5.74 13.92 8.75
C ILE A 33 6.66 13.24 9.76
N ILE A 34 6.16 13.09 10.98
CA ILE A 34 6.84 12.36 12.05
C ILE A 34 6.14 11.03 12.19
N LYS A 35 6.91 9.94 12.26
CA LYS A 35 6.29 8.65 12.49
C LYS A 35 5.68 8.61 13.90
N LEU A 36 4.45 8.11 13.98
CA LEU A 36 3.72 8.08 15.25
C LEU A 36 4.52 7.33 16.32
N GLU A 37 5.22 6.25 15.93
CA GLU A 37 6.05 5.52 16.89
C GLU A 37 7.06 6.42 17.58
N ASP A 38 7.43 7.54 16.97
CA ASP A 38 8.35 8.49 17.57
C ASP A 38 7.65 9.63 18.28
N TRP A 39 6.33 9.72 18.15
CA TRP A 39 5.62 10.91 18.61
C TRP A 39 5.37 10.80 20.11
N PRO A 40 5.82 11.75 20.92
CA PRO A 40 5.53 11.71 22.37
C PRO A 40 4.05 11.68 22.63
N PRO A 41 3.56 10.68 23.37
CA PRO A 41 2.10 10.53 23.54
C PRO A 41 1.41 11.72 24.17
N ASN A 42 2.13 12.52 24.96
CA ASN A 42 1.59 13.71 25.61
C ASN A 42 1.48 14.92 24.68
N TRP A 43 1.96 14.82 23.46
CA TRP A 43 1.80 15.91 22.52
C TRP A 43 0.47 15.73 21.81
N PRO A 44 -0.47 16.68 21.92
CA PRO A 44 -1.83 16.44 21.41
C PRO A 44 -1.89 16.39 19.88
N ILE A 45 -2.76 15.50 19.39
CA ILE A 45 -2.99 15.25 17.98
C ILE A 45 -4.44 15.60 17.61
N THR A 46 -4.66 15.85 16.31
CA THR A 46 -5.99 16.15 15.77
C THR A 46 -6.20 15.44 14.45
N ASP A 47 -7.46 15.15 14.13
CA ASP A 47 -7.82 14.76 12.77
C ASP A 47 -7.67 15.95 11.83
N THR A 48 -7.43 15.63 10.55
CA THR A 48 -7.40 16.59 9.47
C THR A 48 -8.32 16.16 8.35
N LEU A 49 -8.68 17.13 7.50
CA LEU A 49 -9.35 16.85 6.23
C LEU A 49 -8.36 16.76 5.08
N THR A 50 -7.10 16.44 5.38
CA THR A 50 -6.08 16.37 4.36
C THR A 50 -5.99 14.96 3.79
N ASN A 51 -5.56 14.87 2.53
CA ASN A 51 -5.31 13.61 1.87
C ASN A 51 -3.87 13.60 1.38
N LEU A 52 -3.13 12.56 1.73
CA LEU A 52 -1.74 12.43 1.37
C LEU A 52 -1.60 11.40 0.24
N ARG A 53 -1.44 11.91 -0.99
CA ARG A 53 -1.26 11.04 -2.15
C ARG A 53 0.15 10.49 -2.15
N GLY A 54 0.28 9.16 -2.04
CA GLY A 54 1.59 8.55 -2.08
C GLY A 54 1.81 7.63 -3.28
N ILE A 55 2.65 6.61 -3.09
CA ILE A 55 2.95 5.66 -4.15
C ILE A 55 2.12 4.38 -3.98
N SER A 58 -2.40 6.15 -0.43
CA SER A 58 -3.21 7.28 0.02
C SER A 58 -3.57 7.16 1.50
N ASN A 59 -3.29 8.21 2.28
CA ASN A 59 -3.55 8.19 3.72
C ASN A 59 -4.09 9.55 4.17
N ASN A 60 -4.95 9.50 5.20
CA ASN A 60 -5.54 10.68 5.82
C ASN A 60 -4.89 10.96 7.17
N PRO A 61 -3.86 11.80 7.22
CA PRO A 61 -3.04 11.91 8.42
C PRO A 61 -3.68 12.67 9.57
N LYS A 62 -3.28 12.29 10.76
CA LYS A 62 -3.48 13.16 11.91
C LYS A 62 -2.37 14.20 11.90
N GLN A 63 -2.57 15.27 12.67
CA GLN A 63 -1.63 16.37 12.69
C GLN A 63 -1.42 16.88 14.10
N SER A 64 -0.23 17.43 14.34
CA SER A 64 0.07 18.15 15.57
C SER A 64 -1.01 19.19 15.86
N SER A 65 -1.57 19.17 17.07
CA SER A 65 -2.56 20.17 17.44
C SER A 65 -1.96 21.55 17.59
N LYS A 66 -0.71 21.63 18.03
CA LYS A 66 -0.03 22.90 18.19
C LYS A 66 1.16 22.99 17.24
N TYR A 67 1.60 24.22 17.01
CA TYR A 67 2.86 24.43 16.31
C TYR A 67 4.01 24.04 17.21
N LEU A 68 5.05 23.50 16.58
CA LEU A 68 6.26 23.12 17.27
C LEU A 68 7.39 24.06 16.83
N THR A 69 8.24 24.41 17.80
CA THR A 69 9.49 25.09 17.53
C THR A 69 10.50 24.05 17.05
N TRP A 70 10.98 24.20 15.82
CA TRP A 70 12.13 23.44 15.37
C TRP A 70 13.36 24.29 15.63
N ARG A 71 14.46 23.63 16.01
CA ARG A 71 15.77 24.23 16.21
C ARG A 71 16.81 23.26 15.69
N ASP A 72 17.78 23.77 14.91
CA ASP A 72 18.83 22.93 14.35
C ASP A 72 20.10 23.13 15.15
N LYS A 73 21.14 22.38 14.82
CA LYS A 73 22.35 22.42 15.65
C LYS A 73 23.10 23.74 15.58
N GLU A 74 22.71 24.63 14.67
CA GLU A 74 23.30 25.97 14.57
C GLU A 74 22.42 27.02 15.21
N ASN A 75 21.34 26.61 15.88
CA ASN A 75 20.40 27.48 16.59
C ASN A 75 19.51 28.31 15.67
N ASN A 76 19.41 27.94 14.40
CA ASN A 76 18.28 28.40 13.59
C ASN A 76 16.99 27.80 14.13
N SER A 77 15.89 28.53 13.98
CA SER A 77 14.66 28.01 14.58
C SER A 77 13.46 28.61 13.86
N GLY A 78 12.32 28.00 14.11
CA GLY A 78 11.09 28.40 13.45
C GLY A 78 9.98 27.51 13.92
N LEU A 79 8.89 27.50 13.16
CA LEU A 79 7.67 26.77 13.52
C LEU A 79 7.25 25.87 12.39
N ILE A 80 6.82 24.66 12.73
CA ILE A 80 6.16 23.76 11.80
C ILE A 80 5.06 23.04 12.55
N LYS A 81 4.04 22.60 11.81
CA LYS A 81 2.97 21.77 12.37
C LYS A 81 2.95 20.47 11.57
N PRO A 82 3.74 19.47 11.97
CA PRO A 82 3.87 18.25 11.16
C PRO A 82 2.65 17.35 11.29
N PHE A 83 2.50 16.50 10.29
CA PHE A 83 1.56 15.40 10.36
C PHE A 83 2.20 14.20 11.06
N VAL A 84 1.36 13.33 11.61
CA VAL A 84 1.84 12.22 12.41
C VAL A 84 1.18 10.96 11.89
N ILE A 85 1.98 10.06 11.33
CA ILE A 85 1.47 8.92 10.57
C ILE A 85 2.15 7.66 11.10
N PRO A 86 1.40 6.62 11.41
CA PRO A 86 2.02 5.36 11.83
C PRO A 86 2.52 4.59 10.62
N ASN A 87 3.30 3.54 10.91
CA ASN A 87 3.77 2.59 9.91
C ASN A 87 4.66 3.24 8.85
N LEU A 88 5.37 4.30 9.23
CA LEU A 88 6.37 4.91 8.36
C LEU A 88 7.77 4.54 8.82
N PRO A 89 8.71 4.36 7.91
CA PRO A 89 10.07 3.97 8.32
C PRO A 89 10.92 5.13 8.82
N VAL A 90 10.76 6.33 8.24
CA VAL A 90 11.56 7.48 8.63
C VAL A 90 10.65 8.70 8.83
N ASN A 91 11.11 9.62 9.68
CA ASN A 91 10.54 10.95 9.66
C ASN A 91 10.94 11.65 8.35
N LEU A 92 10.05 12.46 7.81
CA LEU A 92 10.24 13.12 6.53
C LEU A 92 10.22 14.64 6.74
N TRP A 93 11.37 15.28 6.57
CA TRP A 93 11.46 16.74 6.55
C TRP A 93 11.01 17.23 5.17
N GLY A 94 9.90 17.96 5.15
CA GLY A 94 9.33 18.48 3.92
C GLY A 94 9.77 19.91 3.63
N ARG A 95 9.25 20.43 2.52
CA ARG A 95 9.63 21.77 2.12
C ARG A 95 9.07 22.84 3.05
N ASP A 96 8.03 22.51 3.83
CA ASP A 96 7.56 23.46 4.84
C ASP A 96 8.68 23.83 5.80
N LEU A 97 9.46 22.84 6.21
CA LEU A 97 10.63 23.07 7.05
C LEU A 97 11.83 23.53 6.23
N LEU A 98 12.10 22.83 5.11
CA LEU A 98 13.31 23.10 4.32
C LEU A 98 13.37 24.52 3.80
N SER A 99 12.23 25.12 3.47
CA SER A 99 12.24 26.52 3.03
C SER A 99 12.55 27.48 4.18
N GLN A 100 12.08 27.18 5.39
CA GLN A 100 12.42 28.01 6.55
C GLN A 100 13.90 27.98 6.86
N MET A 101 14.61 26.92 6.44
CA MET A 101 16.03 26.78 6.66
C MET A 101 16.85 27.43 5.57
N LYS A 102 16.20 27.99 4.56
CA LYS A 102 16.86 28.71 3.49
C LYS A 102 17.85 27.80 2.76
N ILE A 103 17.48 26.54 2.60
CA ILE A 103 18.36 25.56 1.96
C ILE A 103 18.30 25.72 0.44
N MET A 104 19.48 25.67 -0.18
CA MET A 104 19.60 25.80 -1.62
C MET A 104 20.05 24.48 -2.23
N MET A 105 19.65 24.26 -3.47
CA MET A 105 20.21 23.19 -4.27
C MET A 105 21.07 23.80 -5.36
N ALA A 106 22.29 23.28 -5.50
CA ALA A 106 23.27 23.85 -6.43
C ALA A 106 24.12 22.75 -7.04
N SER A 107 24.40 22.88 -8.33
CA SER A 107 25.36 22.04 -9.00
C SER A 107 26.49 22.89 -9.54
N PRO A 108 27.71 22.34 -9.66
CA PRO A 108 28.85 23.11 -10.18
C PRO A 108 28.67 23.53 -11.63
N TRP B 1 23.77 25.56 -11.89
CA TRP B 1 22.54 26.26 -11.51
C TRP B 1 22.26 26.13 -10.02
N VAL B 2 21.35 26.96 -9.52
CA VAL B 2 21.00 27.00 -8.10
C VAL B 2 19.49 27.19 -7.97
N GLN B 3 18.86 26.31 -7.18
CA GLN B 3 17.40 26.42 -6.95
C GLN B 3 17.13 26.38 -5.46
N PRO B 4 16.55 27.45 -4.86
CA PRO B 4 16.19 27.43 -3.44
C PRO B 4 14.98 26.55 -3.20
N ILE B 5 14.95 25.89 -2.04
CA ILE B 5 13.83 25.04 -1.69
C ILE B 5 12.73 25.93 -1.11
N THR B 6 11.58 25.95 -1.78
CA THR B 6 10.48 26.78 -1.31
C THR B 6 9.24 25.92 -1.19
N ALA B 7 8.08 26.57 -0.97
CA ALA B 7 6.81 25.85 -0.95
C ALA B 7 6.44 25.30 -2.32
N GLN B 8 6.96 25.90 -3.39
CA GLN B 8 6.73 25.41 -4.74
C GLN B 8 7.51 24.13 -5.05
N LYS B 9 6.95 23.36 -5.97
CA LYS B 9 7.53 22.09 -6.39
C LYS B 9 8.87 22.39 -7.03
N PRO B 10 9.97 21.82 -6.53
CA PRO B 10 11.27 22.05 -7.16
C PRO B 10 11.36 21.19 -8.43
N SER B 11 11.66 21.83 -9.55
CA SER B 11 11.34 21.25 -10.85
C SER B 11 12.56 21.25 -11.73
N LEU B 12 12.65 20.23 -12.57
CA LEU B 12 13.79 20.02 -13.47
C LEU B 12 13.30 19.45 -14.78
N THR B 13 13.76 20.05 -15.87
CA THR B 13 13.45 19.59 -17.22
C THR B 13 14.72 19.05 -17.86
N LEU B 14 14.64 17.84 -18.40
CA LEU B 14 15.81 17.31 -19.12
C LEU B 14 15.36 16.37 -20.23
N TRP B 15 16.33 15.93 -21.04
CA TRP B 15 16.05 14.91 -22.05
C TRP B 15 16.38 13.54 -21.48
N LEU B 16 15.46 12.62 -21.74
CA LEU B 16 15.67 11.17 -21.50
C LEU B 16 15.68 10.63 -22.92
N ASP B 17 16.81 10.10 -23.38
CA ASP B 17 16.93 9.71 -24.81
C ASP B 17 16.64 10.97 -25.64
N ASP B 18 15.72 10.90 -26.61
CA ASP B 18 15.45 12.07 -27.49
C ASP B 18 14.23 12.88 -27.04
N LYS B 19 13.67 12.59 -25.86
CA LYS B 19 12.44 13.24 -25.42
C LYS B 19 12.69 14.15 -24.23
N MET B 20 12.02 15.29 -24.20
CA MET B 20 12.06 16.18 -23.05
C MET B 20 10.99 15.79 -22.02
N PHE B 21 11.40 15.70 -20.75
CA PHE B 21 10.54 15.47 -19.60
C PHE B 21 10.81 16.50 -18.51
N THR B 22 9.75 16.90 -17.82
CA THR B 22 9.86 17.76 -16.63
C THR B 22 9.41 16.95 -15.41
N GLY B 23 10.11 17.15 -14.30
CA GLY B 23 9.80 16.37 -13.12
C GLY B 23 10.12 17.10 -11.84
N LEU B 24 9.67 16.49 -10.74
CA LEU B 24 9.84 17.00 -9.39
C LEU B 24 11.19 16.53 -8.85
N ILE B 25 12.03 17.47 -8.39
CA ILE B 25 13.24 17.07 -7.69
C ILE B 25 12.85 16.47 -6.34
N ASN B 26 13.18 15.19 -6.14
CA ASN B 26 12.66 14.42 -4.99
C ASN B 26 13.79 13.69 -4.27
N THR B 27 14.52 14.40 -3.42
CA THR B 27 15.58 13.75 -2.65
C THR B 27 15.03 12.63 -1.78
N GLY B 28 13.72 12.59 -1.57
CA GLY B 28 13.02 11.56 -0.80
C GLY B 28 12.86 10.21 -1.50
N ALA B 29 13.18 10.11 -2.79
CA ALA B 29 13.06 8.87 -3.55
C ALA B 29 14.44 8.32 -3.92
N ASP B 30 14.63 7.01 -3.74
CA ASP B 30 15.88 6.39 -4.16
C ASP B 30 15.96 6.25 -5.68
N VAL B 31 14.81 6.08 -6.34
CA VAL B 31 14.73 5.79 -7.76
C VAL B 31 13.88 6.83 -8.45
N THR B 32 14.02 6.91 -9.76
CA THR B 32 13.33 7.85 -10.62
C THR B 32 12.09 7.19 -11.18
N ILE B 33 10.98 7.92 -11.25
CA ILE B 33 9.75 7.38 -11.79
C ILE B 33 9.22 8.31 -12.87
N ILE B 34 8.81 7.73 -14.00
CA ILE B 34 8.12 8.45 -15.06
C ILE B 34 6.67 7.99 -15.06
N LYS B 35 5.74 8.95 -15.09
CA LYS B 35 4.34 8.56 -15.18
C LYS B 35 4.09 7.88 -16.52
N LEU B 36 3.35 6.77 -16.46
CA LEU B 36 3.07 6.00 -17.67
C LEU B 36 2.40 6.89 -18.73
N GLU B 37 1.52 7.79 -18.29
CA GLU B 37 0.86 8.71 -19.21
C GLU B 37 1.85 9.48 -20.08
N ASP B 38 3.09 9.67 -19.60
CA ASP B 38 4.15 10.37 -20.32
C ASP B 38 5.09 9.44 -21.08
N TRP B 39 4.97 8.13 -20.90
CA TRP B 39 5.99 7.22 -21.40
C TRP B 39 5.77 6.94 -22.87
N PRO B 40 6.76 7.16 -23.73
CA PRO B 40 6.62 6.86 -25.17
C PRO B 40 6.29 5.40 -25.39
N PRO B 41 5.18 5.09 -26.07
CA PRO B 41 4.75 3.69 -26.19
C PRO B 41 5.76 2.78 -26.87
N ASN B 42 6.61 3.31 -27.74
CA ASN B 42 7.61 2.49 -28.41
C ASN B 42 8.82 2.20 -27.52
N TRP B 43 8.89 2.77 -26.31
CA TRP B 43 10.00 2.48 -25.39
C TRP B 43 9.68 1.24 -24.57
N PRO B 44 10.48 0.18 -24.66
CA PRO B 44 10.12 -1.07 -23.97
C PRO B 44 10.27 -0.97 -22.45
N ILE B 45 9.32 -1.58 -21.73
CA ILE B 45 9.33 -1.73 -20.28
C ILE B 45 9.31 -3.21 -19.95
N THR B 46 9.65 -3.52 -18.70
CA THR B 46 9.68 -4.88 -18.20
C THR B 46 9.02 -4.92 -16.84
N ASP B 47 8.56 -6.11 -16.47
CA ASP B 47 8.12 -6.37 -15.12
C ASP B 47 9.31 -6.41 -14.16
N THR B 48 9.08 -6.04 -12.92
CA THR B 48 10.07 -6.20 -11.87
C THR B 48 9.44 -6.98 -10.72
N LEU B 49 10.27 -7.62 -9.91
CA LEU B 49 9.83 -8.20 -8.64
C LEU B 49 10.12 -7.28 -7.46
N THR B 50 10.33 -5.99 -7.70
CA THR B 50 10.67 -5.01 -6.68
C THR B 50 9.42 -4.37 -6.09
N ASN B 51 9.60 -3.79 -4.91
CA ASN B 51 8.54 -3.10 -4.20
C ASN B 51 8.93 -1.64 -3.97
N LEU B 52 8.02 -0.72 -4.28
CA LEU B 52 8.25 0.71 -4.06
C LEU B 52 7.48 1.08 -2.79
N ARG B 53 8.20 1.23 -1.68
CA ARG B 53 7.63 1.47 -0.36
C ARG B 53 7.68 2.94 0.01
N GLY B 54 6.54 3.49 0.43
CA GLY B 54 6.44 4.85 0.93
C GLY B 54 5.27 4.99 1.89
N ILE B 55 4.41 5.98 1.66
CA ILE B 55 3.10 5.96 2.29
C ILE B 55 2.26 4.97 1.51
N GLY B 56 2.43 3.69 1.83
CA GLY B 56 1.86 2.61 1.03
C GLY B 56 2.93 1.81 0.33
N GLN B 57 2.49 1.03 -0.66
CA GLN B 57 3.42 0.13 -1.34
C GLN B 57 2.91 -0.17 -2.73
N SER B 58 3.76 0.04 -3.72
CA SER B 58 3.45 -0.29 -5.11
C SER B 58 4.26 -1.53 -5.48
N ASN B 59 3.58 -2.67 -5.57
CA ASN B 59 4.24 -3.93 -5.89
C ASN B 59 4.47 -4.06 -7.39
N ASN B 60 5.62 -4.61 -7.74
CA ASN B 60 5.97 -5.05 -9.08
C ASN B 60 5.82 -3.95 -10.12
N PRO B 61 6.41 -2.77 -9.93
CA PRO B 61 6.22 -1.71 -10.92
C PRO B 61 7.00 -2.06 -12.18
N LYS B 62 6.57 -1.49 -13.29
CA LYS B 62 7.33 -1.66 -14.50
C LYS B 62 8.59 -0.82 -14.44
N GLN B 63 9.56 -1.19 -15.28
CA GLN B 63 10.81 -0.44 -15.36
C GLN B 63 11.22 -0.37 -16.82
N SER B 64 11.91 0.70 -17.18
CA SER B 64 12.51 0.80 -18.51
C SER B 64 13.38 -0.43 -18.77
N SER B 65 13.17 -1.08 -19.93
CA SER B 65 14.00 -2.24 -20.25
C SER B 65 15.43 -1.83 -20.54
N LYS B 66 15.65 -0.64 -21.09
CA LYS B 66 16.98 -0.16 -21.40
C LYS B 66 17.33 1.04 -20.52
N TYR B 67 18.62 1.28 -20.39
CA TYR B 67 19.09 2.50 -19.77
C TYR B 67 18.82 3.65 -20.71
N LEU B 68 18.49 4.80 -20.15
CA LEU B 68 18.24 5.99 -20.93
C LEU B 68 19.39 6.96 -20.70
N THR B 69 19.80 7.65 -21.76
CA THR B 69 20.71 8.77 -21.62
C THR B 69 19.89 9.96 -21.12
N TRP B 70 20.21 10.44 -19.94
CA TRP B 70 19.68 11.71 -19.48
C TRP B 70 20.69 12.75 -19.90
N ARG B 71 20.18 13.91 -20.30
CA ARG B 71 20.97 15.05 -20.71
C ARG B 71 20.30 16.32 -20.20
N ASP B 72 21.07 17.23 -19.62
CA ASP B 72 20.55 18.52 -19.19
C ASP B 72 20.98 19.61 -20.17
N LYS B 73 20.50 20.84 -19.96
CA LYS B 73 20.72 21.92 -20.92
C LYS B 73 22.18 22.33 -21.04
N GLU B 74 23.06 21.86 -20.16
CA GLU B 74 24.47 22.18 -20.27
C GLU B 74 25.26 21.03 -20.87
N ASN B 75 24.56 19.98 -21.32
CA ASN B 75 25.11 18.83 -22.00
C ASN B 75 25.86 17.89 -21.07
N ASN B 76 25.66 18.02 -19.76
CA ASN B 76 25.95 16.92 -18.86
C ASN B 76 25.01 15.76 -19.17
N SER B 77 25.51 14.55 -18.96
CA SER B 77 24.72 13.40 -19.38
C SER B 77 25.16 12.18 -18.61
N GLY B 78 24.33 11.14 -18.70
CA GLY B 78 24.59 9.91 -17.97
C GLY B 78 23.44 8.97 -18.21
N LEU B 79 23.31 7.96 -17.34
CA LEU B 79 22.34 6.90 -17.58
C LEU B 79 21.44 6.72 -16.36
N ILE B 80 20.16 6.46 -16.61
CA ILE B 80 19.23 6.01 -15.57
C ILE B 80 18.27 5.00 -16.17
N LYS B 81 17.76 4.10 -15.34
CA LYS B 81 16.72 3.15 -15.74
C LYS B 81 15.50 3.38 -14.85
N PRO B 82 14.60 4.28 -15.23
CA PRO B 82 13.50 4.66 -14.34
C PRO B 82 12.38 3.63 -14.30
N PHE B 83 11.60 3.69 -13.22
CA PHE B 83 10.35 2.94 -13.16
C PHE B 83 9.22 3.73 -13.84
N VAL B 84 8.21 3.00 -14.31
CA VAL B 84 7.13 3.59 -15.11
C VAL B 84 5.81 3.19 -14.48
N ILE B 85 5.12 4.17 -13.87
CA ILE B 85 4.02 3.93 -12.95
C ILE B 85 2.81 4.76 -13.35
N PRO B 86 1.62 4.17 -13.41
CA PRO B 86 0.42 4.94 -13.76
C PRO B 86 -0.11 5.71 -12.55
N ASN B 87 -1.06 6.60 -12.83
CA ASN B 87 -1.79 7.34 -11.79
C ASN B 87 -0.88 8.22 -10.95
N LEU B 88 0.21 8.68 -11.52
CA LEU B 88 1.05 9.58 -10.77
C LEU B 88 0.87 11.02 -11.24
N PRO B 89 0.97 12.00 -10.34
CA PRO B 89 0.75 13.40 -10.76
C PRO B 89 1.96 14.03 -11.45
N VAL B 90 3.18 13.71 -11.00
CA VAL B 90 4.37 14.27 -11.60
C VAL B 90 5.40 13.17 -11.82
N ASN B 91 6.28 13.38 -12.80
CA ASN B 91 7.50 12.62 -12.83
C ASN B 91 8.37 13.01 -11.65
N LEU B 92 9.09 12.03 -11.13
CA LEU B 92 9.88 12.15 -9.92
C LEU B 92 11.33 11.88 -10.24
N TRP B 93 12.16 12.92 -10.17
CA TRP B 93 13.59 12.71 -10.25
C TRP B 93 14.10 12.26 -8.88
N GLY B 94 14.61 11.02 -8.82
CA GLY B 94 15.13 10.45 -7.60
C GLY B 94 16.63 10.64 -7.50
N ARG B 95 17.17 10.11 -6.40
CA ARG B 95 18.58 10.31 -6.11
C ARG B 95 19.46 9.53 -7.05
N ASP B 96 18.94 8.47 -7.69
CA ASP B 96 19.72 7.79 -8.71
C ASP B 96 20.15 8.77 -9.82
N LEU B 97 19.26 9.65 -10.24
CA LEU B 97 19.64 10.69 -11.20
C LEU B 97 20.35 11.86 -10.54
N LEU B 98 19.83 12.34 -9.40
CA LEU B 98 20.37 13.53 -8.77
C LEU B 98 21.83 13.36 -8.38
N SER B 99 22.25 12.17 -7.97
CA SER B 99 23.65 11.98 -7.62
C SER B 99 24.56 12.07 -8.83
N GLN B 100 24.08 11.63 -10.00
CA GLN B 100 24.84 11.81 -11.22
C GLN B 100 24.98 13.29 -11.60
N MET B 101 24.08 14.15 -11.16
CA MET B 101 24.17 15.57 -11.49
C MET B 101 25.04 16.35 -10.51
N LYS B 102 25.63 15.67 -9.53
CA LYS B 102 26.54 16.31 -8.58
C LYS B 102 25.86 17.46 -7.87
N ILE B 103 24.59 17.26 -7.52
CA ILE B 103 23.80 18.31 -6.88
C ILE B 103 24.10 18.34 -5.39
N MET B 104 24.27 19.54 -4.85
CA MET B 104 24.51 19.74 -3.43
C MET B 104 23.31 20.44 -2.80
N MET B 105 23.08 20.15 -1.53
CA MET B 105 22.15 20.93 -0.72
C MET B 105 22.96 21.70 0.30
N ALA B 106 22.68 23.00 0.41
CA ALA B 106 23.49 23.90 1.22
C ALA B 106 22.63 24.98 1.87
N SER B 107 22.93 25.30 3.10
CA SER B 107 22.27 26.43 3.72
C SER B 107 23.30 27.52 3.99
N PRO B 108 22.90 28.80 4.00
CA PRO B 108 23.86 29.90 4.16
C PRO B 108 24.58 29.91 5.50
N TRP C 1 -29.12 -19.07 8.44
CA TRP C 1 -29.22 -18.24 7.25
C TRP C 1 -28.37 -18.78 6.09
N VAL C 2 -28.61 -18.25 4.89
CA VAL C 2 -27.90 -18.69 3.69
C VAL C 2 -27.58 -17.46 2.84
N GLN C 3 -26.32 -17.34 2.43
CA GLN C 3 -25.88 -16.24 1.58
C GLN C 3 -25.14 -16.84 0.39
N PRO C 4 -25.59 -16.60 -0.83
CA PRO C 4 -24.85 -17.07 -2.01
C PRO C 4 -23.62 -16.21 -2.25
N ILE C 5 -22.58 -16.83 -2.81
CA ILE C 5 -21.39 -16.09 -3.18
C ILE C 5 -21.59 -15.55 -4.59
N THR C 6 -21.59 -14.23 -4.71
CA THR C 6 -21.75 -13.59 -6.01
C THR C 6 -20.62 -12.60 -6.22
N ALA C 7 -20.75 -11.78 -7.27
CA ALA C 7 -19.81 -10.72 -7.54
C ALA C 7 -19.89 -9.62 -6.50
N GLN C 8 -21.03 -9.49 -5.82
CA GLN C 8 -21.20 -8.51 -4.76
C GLN C 8 -20.49 -8.95 -3.48
N LYS C 9 -20.04 -7.97 -2.71
CA LYS C 9 -19.31 -8.24 -1.49
C LYS C 9 -20.22 -8.97 -0.51
N PRO C 10 -19.83 -10.17 -0.05
CA PRO C 10 -20.63 -10.87 0.95
C PRO C 10 -20.45 -10.22 2.32
N SER C 11 -21.57 -9.90 2.96
CA SER C 11 -21.60 -8.93 4.03
C SER C 11 -22.29 -9.49 5.25
N LEU C 12 -21.84 -9.06 6.43
CA LEU C 12 -22.38 -9.51 7.69
C LEU C 12 -22.42 -8.32 8.63
N THR C 13 -23.56 -8.11 9.26
CA THR C 13 -23.74 -7.07 10.27
C THR C 13 -23.93 -7.74 11.61
N LEU C 14 -23.12 -7.36 12.59
CA LEU C 14 -23.27 -7.96 13.91
C LEU C 14 -22.81 -6.98 15.01
N TRP C 15 -23.03 -7.36 16.24
CA TRP C 15 -22.56 -6.54 17.36
C TRP C 15 -21.23 -7.03 17.87
N LEU C 16 -20.35 -6.07 18.17
CA LEU C 16 -19.12 -6.25 18.90
C LEU C 16 -19.31 -5.40 20.16
N ASP C 17 -19.34 -6.07 21.33
N ASP C 17 -19.39 -6.07 21.32
CA ASP C 17 -19.80 -5.45 22.57
CA ASP C 17 -19.63 -5.42 22.61
C ASP C 17 -21.13 -4.77 22.23
C ASP C 17 -20.70 -4.33 22.49
N ASP C 18 -21.35 -3.51 22.60
N ASP C 18 -21.87 -4.74 21.99
CA ASP C 18 -22.63 -2.87 22.38
CA ASP C 18 -23.06 -3.90 22.02
C ASP C 18 -22.76 -2.20 21.01
C ASP C 18 -22.91 -2.65 21.15
N LYS C 19 -21.73 -2.24 20.17
N LYS C 19 -22.12 -2.76 20.09
CA LYS C 19 -21.77 -1.47 18.94
CA LYS C 19 -21.97 -1.74 19.07
C LYS C 19 -22.05 -2.39 17.74
C LYS C 19 -22.08 -2.46 17.73
N MET C 20 -22.82 -1.88 16.79
CA MET C 20 -23.08 -2.59 15.55
C MET C 20 -21.99 -2.29 14.52
N PHE C 21 -21.49 -3.34 13.87
CA PHE C 21 -20.52 -3.24 12.80
C PHE C 21 -20.98 -4.04 11.59
N THR C 22 -20.67 -3.53 10.40
CA THR C 22 -20.92 -4.26 9.16
C THR C 22 -19.58 -4.59 8.49
N GLY C 23 -19.47 -5.78 7.94
CA GLY C 23 -18.18 -6.13 7.36
C GLY C 23 -18.24 -7.17 6.27
N LEU C 24 -17.10 -7.32 5.62
CA LEU C 24 -16.93 -8.24 4.51
C LEU C 24 -16.57 -9.64 5.03
N ILE C 25 -17.33 -10.65 4.63
CA ILE C 25 -16.93 -12.04 4.91
C ILE C 25 -15.66 -12.36 4.13
N ASN C 26 -14.58 -12.69 4.85
CA ASN C 26 -13.24 -12.78 4.27
C ASN C 26 -12.64 -14.13 4.66
N THR C 27 -13.02 -15.18 3.93
CA THR C 27 -12.45 -16.48 4.21
C THR C 27 -10.95 -16.53 3.98
N GLY C 28 -10.38 -15.53 3.29
CA GLY C 28 -8.94 -15.55 3.08
C GLY C 28 -8.11 -15.23 4.31
N ALA C 29 -8.72 -14.70 5.37
CA ALA C 29 -7.99 -14.33 6.58
C ALA C 29 -8.46 -15.18 7.76
N ASP C 30 -7.50 -15.66 8.56
CA ASP C 30 -7.88 -16.30 9.82
C ASP C 30 -8.30 -15.26 10.86
N VAL C 31 -7.82 -14.02 10.75
CA VAL C 31 -8.03 -13.01 11.77
C VAL C 31 -8.95 -11.93 11.23
N THR C 32 -9.62 -11.26 12.15
CA THR C 32 -10.60 -10.22 11.86
C THR C 32 -9.94 -8.86 11.96
N ILE C 33 -10.30 -7.96 11.06
CA ILE C 33 -9.76 -6.61 11.05
C ILE C 33 -10.93 -5.63 11.08
N ILE C 34 -10.85 -4.66 11.99
CA ILE C 34 -11.79 -3.55 12.07
C ILE C 34 -11.07 -2.28 11.63
N LYS C 35 -11.75 -1.48 10.80
CA LYS C 35 -11.20 -0.21 10.39
C LYS C 35 -11.01 0.70 11.59
N LEU C 36 -9.83 1.33 11.68
CA LEU C 36 -9.58 2.26 12.77
C LEU C 36 -10.62 3.37 12.77
N GLU C 37 -11.00 3.85 11.58
CA GLU C 37 -12.01 4.89 11.45
C GLU C 37 -13.32 4.49 12.12
N ASP C 38 -13.60 3.18 12.23
CA ASP C 38 -14.80 2.69 12.88
C ASP C 38 -14.59 2.32 14.34
N TRP C 39 -13.36 2.36 14.80
CA TRP C 39 -13.04 1.84 16.12
C TRP C 39 -13.38 2.88 17.17
N PRO C 40 -14.20 2.54 18.17
CA PRO C 40 -14.53 3.49 19.23
C PRO C 40 -13.28 3.96 19.95
N PRO C 41 -13.05 5.28 20.01
CA PRO C 41 -11.79 5.78 20.59
C PRO C 41 -11.53 5.38 22.02
N ASN C 42 -12.56 5.07 22.80
CA ASN C 42 -12.38 4.64 24.18
C ASN C 42 -12.06 3.16 24.32
N TRP C 43 -12.10 2.39 23.23
CA TRP C 43 -11.74 0.98 23.30
C TRP C 43 -10.24 0.85 23.19
N PRO C 44 -9.55 0.28 24.18
CA PRO C 44 -8.10 0.29 24.15
C PRO C 44 -7.54 -0.65 23.09
N ILE C 45 -6.47 -0.20 22.43
CA ILE C 45 -5.74 -1.00 21.48
C ILE C 45 -4.33 -1.17 22.01
N THR C 46 -3.61 -2.13 21.43
CA THR C 46 -2.25 -2.43 21.83
C THR C 46 -1.40 -2.61 20.59
N ASP C 47 -0.10 -2.38 20.74
CA ASP C 47 0.83 -2.87 19.76
C ASP C 47 0.91 -4.38 19.89
N THR C 48 1.24 -5.04 18.80
CA THR C 48 1.38 -6.49 18.83
C THR C 48 2.76 -6.90 18.38
N LEU C 49 3.14 -8.12 18.77
CA LEU C 49 4.35 -8.73 18.25
C LEU C 49 4.03 -9.63 17.06
N THR C 50 2.85 -9.46 16.46
CA THR C 50 2.34 -10.23 15.33
C THR C 50 2.63 -9.53 14.01
N ASN C 51 2.57 -10.33 12.95
CA ASN C 51 2.69 -9.87 11.56
C ASN C 51 1.49 -10.35 10.76
N LEU C 52 0.93 -9.48 9.92
CA LEU C 52 -0.24 -9.86 9.14
C LEU C 52 0.05 -10.27 7.70
N ARG C 53 1.29 -10.11 7.22
CA ARG C 53 1.64 -10.51 5.87
C ARG C 53 0.68 -9.93 4.83
N GLY C 54 0.85 -8.66 4.47
CA GLY C 54 -0.01 -8.03 3.49
C GLY C 54 -0.47 -6.64 3.93
N ASN C 59 5.22 -4.11 8.49
CA ASN C 59 3.98 -3.44 8.87
C ASN C 59 3.33 -4.12 10.07
N ASN C 60 3.23 -3.39 11.18
CA ASN C 60 2.89 -3.94 12.48
C ASN C 60 1.50 -3.50 12.92
N PRO C 61 0.47 -4.33 12.79
CA PRO C 61 -0.89 -3.87 13.12
C PRO C 61 -1.12 -3.79 14.61
N LYS C 62 -1.97 -2.86 15.00
CA LYS C 62 -2.49 -2.82 16.36
C LYS C 62 -3.64 -3.82 16.52
N GLN C 63 -3.94 -4.13 17.78
CA GLN C 63 -4.99 -5.09 18.11
C GLN C 63 -5.78 -4.62 19.32
N SER C 64 -7.05 -5.02 19.36
CA SER C 64 -7.88 -4.82 20.53
C SER C 64 -7.16 -5.33 21.77
N SER C 65 -7.13 -4.49 22.81
CA SER C 65 -6.48 -4.90 24.06
C SER C 65 -7.27 -6.00 24.77
N LYS C 66 -8.60 -5.96 24.65
CA LYS C 66 -9.46 -6.94 25.30
C LYS C 66 -10.23 -7.73 24.25
N TYR C 67 -10.75 -8.87 24.67
CA TYR C 67 -11.65 -9.63 23.85
C TYR C 67 -12.99 -8.91 23.75
N LEU C 68 -13.61 -9.01 22.58
CA LEU C 68 -14.93 -8.47 22.33
C LEU C 68 -15.90 -9.63 22.20
N THR C 69 -17.09 -9.45 22.76
CA THR C 69 -18.21 -10.35 22.54
C THR C 69 -18.82 -10.00 21.17
N TRP C 70 -18.81 -10.95 20.24
CA TRP C 70 -19.59 -10.78 19.04
C TRP C 70 -20.94 -11.42 19.31
N ARG C 71 -21.99 -10.79 18.77
CA ARG C 71 -23.35 -11.30 18.84
C ARG C 71 -24.00 -11.01 17.49
N ASP C 72 -24.70 -11.99 16.93
CA ASP C 72 -25.38 -11.83 15.66
C ASP C 72 -26.87 -11.69 15.92
N LYS C 73 -27.64 -11.51 14.84
CA LYS C 73 -29.06 -11.20 14.93
C LYS C 73 -29.88 -12.35 15.51
N GLU C 74 -29.29 -13.53 15.65
CA GLU C 74 -30.00 -14.68 16.21
C GLU C 74 -29.57 -14.98 17.63
N ASN C 75 -28.73 -14.13 18.22
CA ASN C 75 -28.22 -14.21 19.58
C ASN C 75 -27.16 -15.30 19.79
N ASN C 76 -26.56 -15.81 18.71
CA ASN C 76 -25.27 -16.49 18.86
C ASN C 76 -24.21 -15.48 19.25
N SER C 77 -23.22 -15.93 20.01
CA SER C 77 -22.23 -15.00 20.50
C SER C 77 -20.95 -15.77 20.80
N GLY C 78 -19.89 -15.01 21.02
CA GLY C 78 -18.58 -15.58 21.28
C GLY C 78 -17.56 -14.48 21.47
N LEU C 79 -16.27 -14.83 21.36
CA LEU C 79 -15.20 -13.88 21.62
C LEU C 79 -14.24 -13.84 20.45
N ILE C 80 -13.79 -12.63 20.10
CA ILE C 80 -12.70 -12.41 19.16
C ILE C 80 -11.86 -11.24 19.65
N LYS C 81 -10.59 -11.22 19.23
CA LYS C 81 -9.70 -10.10 19.49
C LYS C 81 -9.20 -9.57 18.14
N PRO C 82 -9.93 -8.65 17.51
CA PRO C 82 -9.57 -8.22 16.15
C PRO C 82 -8.40 -7.24 16.13
N PHE C 83 -7.76 -7.18 14.96
CA PHE C 83 -6.80 -6.13 14.69
C PHE C 83 -7.52 -4.85 14.27
N VAL C 84 -6.83 -3.72 14.42
CA VAL C 84 -7.40 -2.41 14.12
C VAL C 84 -6.42 -1.70 13.21
N ILE C 85 -6.80 -1.50 11.96
CA ILE C 85 -5.88 -1.08 10.91
C ILE C 85 -6.46 0.11 10.16
N PRO C 86 -5.67 1.16 9.93
CA PRO C 86 -6.15 2.31 9.17
C PRO C 86 -6.14 2.03 7.67
N ASN C 87 -6.78 2.93 6.93
CA ASN C 87 -6.78 2.92 5.46
C ASN C 87 -7.45 1.67 4.90
N LEU C 88 -8.29 1.09 5.64
CA LEU C 88 -8.98 -0.01 4.99
C LEU C 88 -10.40 0.42 4.63
N PRO C 89 -10.94 -0.08 3.52
CA PRO C 89 -12.27 0.37 3.09
C PRO C 89 -13.40 -0.31 3.84
N VAL C 90 -13.22 -1.57 4.22
CA VAL C 90 -14.27 -2.32 4.91
C VAL C 90 -13.68 -3.02 6.12
N ASN C 91 -14.52 -3.26 7.12
CA ASN C 91 -14.22 -4.26 8.14
C ASN C 91 -14.23 -5.65 7.50
N LEU C 92 -13.34 -6.52 7.96
CA LEU C 92 -13.13 -7.85 7.40
C LEU C 92 -13.39 -8.91 8.47
N TRP C 93 -14.48 -9.67 8.30
CA TRP C 93 -14.73 -10.84 9.14
C TRP C 93 -13.87 -12.01 8.67
N GLY C 94 -12.94 -12.44 9.53
CA GLY C 94 -12.05 -13.53 9.23
C GLY C 94 -12.56 -14.86 9.74
N ARG C 95 -11.75 -15.90 9.53
CA ARG C 95 -12.18 -17.25 9.89
C ARG C 95 -12.21 -17.46 11.41
N ASP C 96 -11.47 -16.66 12.19
CA ASP C 96 -11.61 -16.72 13.64
C ASP C 96 -13.07 -16.51 14.04
N LEU C 97 -13.73 -15.56 13.41
CA LEU C 97 -15.13 -15.34 13.70
C LEU C 97 -16.02 -16.35 12.97
N LEU C 98 -15.77 -16.55 11.68
CA LEU C 98 -16.65 -17.39 10.86
C LEU C 98 -16.73 -18.82 11.39
N SER C 99 -15.64 -19.35 11.96
CA SER C 99 -15.68 -20.71 12.51
C SER C 99 -16.51 -20.79 13.77
N GLN C 100 -16.48 -19.73 14.60
CA GLN C 100 -17.33 -19.68 15.78
C GLN C 100 -18.80 -19.61 15.40
N MET C 101 -19.11 -19.11 14.21
CA MET C 101 -20.49 -19.04 13.75
C MET C 101 -20.92 -20.33 13.07
N LYS C 102 -20.02 -21.30 12.98
CA LYS C 102 -20.31 -22.61 12.42
C LYS C 102 -20.82 -22.51 10.99
N ILE C 103 -20.22 -21.60 10.24
CA ILE C 103 -20.64 -21.35 8.86
C ILE C 103 -20.05 -22.42 7.95
N MET C 104 -20.86 -22.93 7.03
CA MET C 104 -20.45 -23.93 6.07
C MET C 104 -20.44 -23.31 4.68
N MET C 105 -19.59 -23.84 3.81
CA MET C 105 -19.66 -23.56 2.38
C MET C 105 -20.15 -24.81 1.69
N ALA C 106 -21.15 -24.65 0.82
CA ALA C 106 -21.81 -25.79 0.18
C ALA C 106 -22.20 -25.41 -1.23
N SER C 107 -22.00 -26.34 -2.16
CA SER C 107 -22.45 -26.25 -3.53
C SER C 107 -23.44 -27.38 -3.82
N PRO C 108 -24.37 -27.20 -4.77
CA PRO C 108 -25.32 -28.29 -5.06
C PRO C 108 -24.64 -29.53 -5.62
N TRP D 1 -20.60 -30.56 -2.88
CA TRP D 1 -19.72 -30.74 -1.71
C TRP D 1 -19.98 -29.70 -0.62
N VAL D 2 -19.43 -29.97 0.56
CA VAL D 2 -19.63 -29.13 1.74
C VAL D 2 -18.31 -28.99 2.49
N GLN D 3 -17.91 -27.76 2.77
CA GLN D 3 -16.68 -27.48 3.50
C GLN D 3 -17.00 -26.52 4.64
N PRO D 4 -16.74 -26.91 5.88
CA PRO D 4 -16.92 -25.98 7.00
C PRO D 4 -15.76 -24.99 7.06
N ILE D 5 -16.06 -23.78 7.52
CA ILE D 5 -15.03 -22.76 7.67
C ILE D 5 -14.39 -22.93 9.04
N THR D 6 -13.09 -23.21 9.05
CA THR D 6 -12.35 -23.42 10.28
C THR D 6 -11.12 -22.53 10.27
N ALA D 7 -10.23 -22.74 11.25
CA ALA D 7 -8.96 -22.03 11.28
C ALA D 7 -8.06 -22.46 10.14
N GLN D 8 -8.23 -23.67 9.63
CA GLN D 8 -7.42 -24.11 8.50
C GLN D 8 -7.87 -23.44 7.21
N LYS D 9 -6.92 -23.31 6.30
CA LYS D 9 -7.18 -22.67 5.03
C LYS D 9 -8.19 -23.48 4.25
N PRO D 10 -9.33 -22.89 3.86
CA PRO D 10 -10.30 -23.62 3.04
C PRO D 10 -9.77 -23.73 1.62
N SER D 11 -9.71 -24.94 1.10
CA SER D 11 -8.85 -25.22 -0.05
C SER D 11 -9.65 -25.87 -1.15
N LEU D 12 -9.27 -25.54 -2.38
CA LEU D 12 -9.95 -26.04 -3.56
C LEU D 12 -8.92 -26.35 -4.64
N THR D 13 -8.99 -27.54 -5.19
CA THR D 13 -8.14 -27.96 -6.29
C THR D 13 -8.97 -28.12 -7.56
N LEU D 14 -8.53 -27.50 -8.64
CA LEU D 14 -9.28 -27.70 -9.88
C LEU D 14 -8.33 -27.61 -11.07
N TRP D 15 -8.87 -27.89 -12.25
CA TRP D 15 -8.11 -27.71 -13.47
C TRP D 15 -8.40 -26.35 -14.07
N LEU D 16 -7.32 -25.69 -14.46
CA LEU D 16 -7.39 -24.45 -15.26
C LEU D 16 -6.85 -24.94 -16.61
N ASP D 17 -7.70 -25.00 -17.63
CA ASP D 17 -7.28 -25.62 -18.92
C ASP D 17 -6.87 -27.06 -18.60
N ASP D 18 -5.66 -27.48 -18.96
CA ASP D 18 -5.21 -28.88 -18.76
C ASP D 18 -4.34 -29.07 -17.52
N LYS D 19 -4.23 -28.07 -16.64
CA LYS D 19 -3.34 -28.18 -15.49
C LYS D 19 -4.14 -28.17 -14.21
N MET D 20 -3.60 -28.81 -13.18
CA MET D 20 -4.20 -28.80 -11.86
C MET D 20 -3.57 -27.70 -11.00
N PHE D 21 -4.41 -26.90 -10.35
CA PHE D 21 -3.99 -25.86 -9.42
C PHE D 21 -4.75 -26.05 -8.12
N THR D 22 -4.07 -25.77 -6.99
CA THR D 22 -4.72 -25.76 -5.69
C THR D 22 -4.68 -24.36 -5.13
N GLY D 23 -5.78 -23.92 -4.56
CA GLY D 23 -5.81 -22.56 -4.09
C GLY D 23 -6.73 -22.35 -2.91
N LEU D 24 -6.60 -21.16 -2.34
CA LEU D 24 -7.35 -20.75 -1.18
C LEU D 24 -8.67 -20.14 -1.61
N ILE D 25 -9.78 -20.70 -1.09
CA ILE D 25 -11.09 -20.08 -1.29
C ILE D 25 -11.11 -18.73 -0.56
N ASN D 26 -11.28 -17.64 -1.30
CA ASN D 26 -11.12 -16.31 -0.73
C ASN D 26 -12.31 -15.41 -1.11
N THR D 27 -13.42 -15.54 -0.38
CA THR D 27 -14.53 -14.65 -0.62
C THR D 27 -14.14 -13.19 -0.42
N GLY D 28 -13.01 -12.95 0.25
CA GLY D 28 -12.47 -11.61 0.42
C GLY D 28 -11.87 -10.99 -0.83
N ALA D 29 -11.72 -11.75 -1.92
CA ALA D 29 -11.16 -11.26 -3.18
C ALA D 29 -12.22 -11.22 -4.27
N ASP D 30 -12.25 -10.12 -5.02
CA ASP D 30 -13.19 -10.01 -6.13
C ASP D 30 -12.77 -10.85 -7.32
N VAL D 31 -11.47 -10.98 -7.53
CA VAL D 31 -10.92 -11.63 -8.70
C VAL D 31 -9.99 -12.74 -8.25
N THR D 32 -9.70 -13.65 -9.17
CA THR D 32 -8.87 -14.82 -8.93
C THR D 32 -7.42 -14.51 -9.29
N ILE D 33 -6.48 -14.97 -8.44
CA ILE D 33 -5.06 -14.73 -8.68
C ILE D 33 -4.29 -16.05 -8.61
N ILE D 34 -3.42 -16.27 -9.59
CA ILE D 34 -2.49 -17.40 -9.64
C ILE D 34 -1.08 -16.87 -9.42
N LYS D 35 -0.33 -17.50 -8.53
CA LYS D 35 1.05 -17.07 -8.37
C LYS D 35 1.85 -17.34 -9.63
N LEU D 36 2.67 -16.36 -10.02
CA LEU D 36 3.48 -16.49 -11.23
C LEU D 36 4.37 -17.73 -11.16
N GLU D 37 4.86 -18.05 -9.97
CA GLU D 37 5.65 -19.26 -9.76
C GLU D 37 4.90 -20.52 -10.21
N ASP D 38 3.58 -20.49 -10.24
CA ASP D 38 2.79 -21.62 -10.72
C ASP D 38 2.35 -21.50 -12.16
N TRP D 39 2.54 -20.34 -12.79
CA TRP D 39 1.89 -20.08 -14.08
C TRP D 39 2.69 -20.71 -15.22
N PRO D 40 2.08 -21.57 -16.03
CA PRO D 40 2.81 -22.20 -17.15
C PRO D 40 3.36 -21.16 -18.10
N PRO D 41 4.68 -21.17 -18.34
CA PRO D 41 5.31 -20.08 -19.10
C PRO D 41 4.80 -19.92 -20.51
N ASN D 42 4.28 -20.98 -21.12
CA ASN D 42 3.73 -20.90 -22.46
C ASN D 42 2.32 -20.34 -22.49
N TRP D 43 1.72 -20.06 -21.33
CA TRP D 43 0.40 -19.43 -21.30
C TRP D 43 0.59 -17.92 -21.35
N PRO D 44 0.06 -17.23 -22.37
CA PRO D 44 0.36 -15.81 -22.52
C PRO D 44 -0.33 -14.98 -21.44
N ILE D 45 0.43 -14.01 -20.91
CA ILE D 45 -0.10 -13.00 -19.99
C ILE D 45 0.12 -11.63 -20.63
N THR D 46 -0.61 -10.65 -20.12
CA THR D 46 -0.53 -9.29 -20.64
C THR D 46 -0.54 -8.32 -19.47
N ASP D 47 -0.01 -7.13 -19.69
CA ASP D 47 -0.15 -6.06 -18.70
C ASP D 47 -1.58 -5.56 -18.64
N THR D 48 -1.97 -5.08 -17.46
CA THR D 48 -3.25 -4.41 -17.30
C THR D 48 -2.99 -3.07 -16.63
N LEU D 49 -3.90 -2.13 -16.89
CA LEU D 49 -3.96 -0.88 -16.14
C LEU D 49 -4.99 -0.97 -15.04
N THR D 50 -5.25 -2.17 -14.56
CA THR D 50 -6.19 -2.43 -13.50
C THR D 50 -5.45 -2.21 -12.19
N ASN D 51 -6.18 -1.86 -11.13
CA ASN D 51 -5.56 -1.63 -9.85
C ASN D 51 -6.09 -2.68 -8.89
N LEU D 52 -5.17 -3.45 -8.32
CA LEU D 52 -5.49 -4.53 -7.39
C LEU D 52 -5.14 -4.09 -5.96
N ARG D 53 -5.89 -3.11 -5.50
CA ARG D 53 -5.77 -2.58 -4.15
C ARG D 53 -5.88 -3.70 -3.11
N GLY D 54 -4.81 -3.87 -2.30
CA GLY D 54 -4.81 -4.82 -1.21
C GLY D 54 -4.91 -4.15 0.15
N ILE D 55 -4.50 -4.86 1.19
CA ILE D 55 -4.33 -4.27 2.51
C ILE D 55 -2.95 -3.63 2.53
N GLY D 56 -2.90 -2.31 2.32
CA GLY D 56 -1.66 -1.59 2.44
C GLY D 56 -0.75 -1.66 1.24
N GLN D 57 -1.19 -2.26 0.13
CA GLN D 57 -0.35 -2.40 -1.04
C GLN D 57 -1.21 -2.36 -2.29
N SER D 58 -0.68 -1.74 -3.34
CA SER D 58 -1.33 -1.65 -4.64
C SER D 58 -0.57 -2.51 -5.65
N ASN D 59 -1.18 -2.71 -6.81
CA ASN D 59 -0.64 -3.61 -7.81
C ASN D 59 -1.32 -3.37 -9.15
N ASN D 60 -0.52 -3.17 -10.20
CA ASN D 60 -1.06 -3.25 -11.56
C ASN D 60 -0.75 -4.62 -12.13
N PRO D 61 -1.57 -5.62 -11.84
CA PRO D 61 -1.21 -7.01 -12.12
C PRO D 61 -1.27 -7.38 -13.57
N LYS D 62 -0.46 -8.36 -13.94
CA LYS D 62 -0.66 -8.97 -15.23
C LYS D 62 -1.87 -9.90 -15.18
N GLN D 63 -2.40 -10.21 -16.36
CA GLN D 63 -3.58 -11.06 -16.45
C GLN D 63 -3.41 -12.05 -17.58
N SER D 64 -4.06 -13.20 -17.41
CA SER D 64 -4.15 -14.17 -18.48
C SER D 64 -4.65 -13.48 -19.74
N SER D 65 -3.92 -13.66 -20.85
CA SER D 65 -4.36 -13.04 -22.11
C SER D 65 -5.62 -13.70 -22.64
N LYS D 66 -5.80 -14.98 -22.36
CA LYS D 66 -6.95 -15.75 -22.81
C LYS D 66 -7.78 -16.16 -21.60
N TYR D 67 -9.05 -16.44 -21.84
CA TYR D 67 -9.89 -17.06 -20.84
C TYR D 67 -9.47 -18.51 -20.66
N LEU D 68 -9.58 -19.00 -19.43
CA LEU D 68 -9.29 -20.38 -19.08
C LEU D 68 -10.57 -21.12 -18.75
N THR D 69 -10.66 -22.38 -19.21
CA THR D 69 -11.70 -23.30 -18.77
C THR D 69 -11.30 -23.81 -17.39
N TRP D 70 -12.12 -23.52 -16.37
CA TRP D 70 -11.95 -24.15 -15.07
C TRP D 70 -12.86 -25.37 -15.05
N ARG D 71 -12.38 -26.43 -14.40
CA ARG D 71 -13.12 -27.67 -14.23
C ARG D 71 -12.84 -28.24 -12.85
N ASP D 72 -13.88 -28.69 -12.16
CA ASP D 72 -13.72 -29.36 -10.87
C ASP D 72 -13.90 -30.88 -11.05
N LYS D 73 -13.64 -31.62 -9.97
CA LYS D 73 -13.65 -33.12 -9.97
C LYS D 73 -14.99 -33.72 -10.38
N GLU D 74 -16.05 -32.92 -10.43
CA GLU D 74 -17.37 -33.40 -10.81
C GLU D 74 -17.73 -32.98 -12.22
N ASN D 75 -16.78 -32.35 -12.94
CA ASN D 75 -16.91 -31.90 -14.33
C ASN D 75 -17.82 -30.69 -14.50
N ASN D 76 -18.12 -29.96 -13.43
CA ASN D 76 -18.61 -28.60 -13.62
C ASN D 76 -17.49 -27.76 -14.22
N SER D 77 -17.86 -26.78 -15.04
CA SER D 77 -16.82 -26.04 -15.74
C SER D 77 -17.34 -24.67 -16.14
N GLY D 78 -16.40 -23.84 -16.55
CA GLY D 78 -16.72 -22.47 -16.92
C GLY D 78 -15.47 -21.72 -17.29
N LEU D 79 -15.54 -20.40 -17.24
CA LEU D 79 -14.45 -19.53 -17.69
C LEU D 79 -14.03 -18.55 -16.61
N ILE D 80 -12.73 -18.31 -16.53
CA ILE D 80 -12.16 -17.22 -15.75
C ILE D 80 -10.96 -16.67 -16.50
N LYS D 81 -10.65 -15.38 -16.28
CA LYS D 81 -9.42 -14.78 -16.80
C LYS D 81 -8.67 -14.25 -15.59
N PRO D 82 -7.87 -15.08 -14.94
CA PRO D 82 -7.25 -14.69 -13.67
C PRO D 82 -6.09 -13.73 -13.83
N PHE D 83 -5.80 -13.04 -12.75
CA PHE D 83 -4.58 -12.25 -12.66
C PHE D 83 -3.43 -13.14 -12.21
N VAL D 84 -2.21 -12.74 -12.57
CA VAL D 84 -1.01 -13.55 -12.34
C VAL D 84 0.03 -12.65 -11.66
N ILE D 85 0.32 -12.95 -10.40
CA ILE D 85 1.08 -12.06 -9.52
C ILE D 85 2.21 -12.83 -8.85
N PRO D 86 3.43 -12.29 -8.85
CA PRO D 86 4.55 -12.95 -8.18
C PRO D 86 4.52 -12.68 -6.68
N ASN D 87 5.36 -13.42 -5.96
CA ASN D 87 5.59 -13.22 -4.52
C ASN D 87 4.32 -13.44 -3.69
N LEU D 88 3.43 -14.28 -4.18
CA LEU D 88 2.22 -14.60 -3.45
C LEU D 88 2.35 -15.98 -2.81
N PRO D 89 1.76 -16.21 -1.63
CA PRO D 89 1.95 -17.51 -0.97
C PRO D 89 1.05 -18.61 -1.52
N VAL D 90 -0.20 -18.26 -1.85
CA VAL D 90 -1.16 -19.24 -2.34
C VAL D 90 -1.88 -18.68 -3.56
N ASN D 91 -2.37 -19.58 -4.42
CA ASN D 91 -3.38 -19.18 -5.38
C ASN D 91 -4.66 -18.83 -4.64
N LEU D 92 -5.36 -17.82 -5.15
CA LEU D 92 -6.53 -17.23 -4.49
C LEU D 92 -7.72 -17.39 -5.41
N TRP D 93 -8.68 -18.25 -5.02
CA TRP D 93 -9.94 -18.34 -5.73
C TRP D 93 -10.84 -17.21 -5.25
N GLY D 94 -11.12 -16.27 -6.16
CA GLY D 94 -11.95 -15.14 -5.85
C GLY D 94 -13.40 -15.42 -6.22
N ARG D 95 -14.23 -14.42 -5.98
CA ARG D 95 -15.67 -14.58 -6.18
C ARG D 95 -16.02 -14.66 -7.66
N ASP D 96 -15.16 -14.16 -8.54
CA ASP D 96 -15.41 -14.34 -9.98
C ASP D 96 -15.56 -15.82 -10.34
N LEU D 97 -14.77 -16.67 -9.74
CA LEU D 97 -14.90 -18.11 -9.93
C LEU D 97 -15.97 -18.71 -9.02
N LEU D 98 -15.93 -18.36 -7.73
CA LEU D 98 -16.81 -18.96 -6.74
C LEU D 98 -18.27 -18.78 -7.08
N SER D 99 -18.62 -17.64 -7.69
CA SER D 99 -19.99 -17.41 -8.11
C SER D 99 -20.38 -18.31 -9.27
N GLN D 100 -19.43 -18.64 -10.14
CA GLN D 100 -19.72 -19.60 -11.18
C GLN D 100 -19.96 -20.99 -10.60
N MET D 101 -19.42 -21.27 -9.42
CA MET D 101 -19.60 -22.59 -8.83
C MET D 101 -20.88 -22.76 -8.02
N LYS D 102 -21.73 -21.73 -7.94
CA LYS D 102 -23.00 -21.80 -7.20
C LYS D 102 -22.79 -22.16 -5.74
N ILE D 103 -21.75 -21.58 -5.14
CA ILE D 103 -21.37 -21.88 -3.76
C ILE D 103 -22.22 -21.04 -2.81
N MET D 104 -22.73 -21.68 -1.75
CA MET D 104 -23.53 -21.02 -0.73
C MET D 104 -22.78 -21.00 0.60
N MET D 105 -23.01 -19.96 1.39
CA MET D 105 -22.56 -19.91 2.77
C MET D 105 -23.78 -20.01 3.66
N ALA D 106 -23.72 -20.91 4.65
CA ALA D 106 -24.89 -21.24 5.46
C ALA D 106 -24.50 -21.51 6.91
N SER D 107 -25.35 -21.09 7.82
CA SER D 107 -25.19 -21.42 9.24
C SER D 107 -26.35 -22.30 9.70
N PRO D 108 -26.14 -23.16 10.71
CA PRO D 108 -27.19 -24.10 11.17
C PRO D 108 -28.41 -23.42 11.76
N PRO E 1 -10.07 -3.91 -8.64
CA PRO E 1 -10.80 -4.83 -7.76
C PRO E 1 -10.15 -4.89 -6.37
N 0A1 E 2 -10.78 -5.59 -5.43
CA 0A1 E 2 -10.23 -5.70 -4.06
CB 0A1 E 2 -11.24 -5.14 -3.04
CG 0A1 E 2 -11.27 -3.65 -2.96
CD1 0A1 E 2 -12.31 -2.92 -3.52
CE1 0A1 E 2 -12.34 -1.54 -3.46
CZ 0A1 E 2 -11.33 -0.85 -2.82
OH 0A1 E 2 -11.36 0.51 -2.76
CM 0A1 E 2 -11.98 1.19 -3.84
CE2 0A1 E 2 -10.28 -1.56 -2.25
CD2 0A1 E 2 -10.26 -2.95 -2.33
C 0A1 E 2 -9.89 -7.13 -3.75
O 0A1 E 2 -10.56 -8.04 -4.25
N VAL E 3 -8.85 -7.31 -2.94
CA VAL E 3 -8.38 -8.66 -2.52
C VAL E 3 -7.98 -8.58 -1.05
N PSA E 4 -8.76 -9.14 -0.15
CA PSA E 4 -8.41 -9.07 1.27
CB PSA E 4 -9.58 -8.47 2.03
CG PSA E 4 -9.95 -7.08 1.54
CD1 PSA E 4 -11.11 -6.88 0.81
CD2 PSA E 4 -9.14 -6.00 1.82
CE1 PSA E 4 -11.47 -5.62 0.37
CE2 PSA E 4 -9.48 -4.73 1.38
CZ PSA E 4 -10.64 -4.54 0.65
CH PSA E 4 -8.05 -10.45 1.80
OH PSA E 4 -8.73 -11.48 1.09
CM PSA E 4 -6.56 -10.69 1.70
C PSA E 4 -6.16 -11.98 2.41
O PSA E 4 -6.41 -12.11 3.61
N ALA E 5 -5.55 -12.89 1.68
CA ALA E 5 -4.71 -13.95 2.30
C ALA E 5 -3.84 -13.34 3.41
N MET E 6 -3.95 -13.85 4.63
CA MET E 6 -3.15 -13.30 5.75
C MET E 6 -2.58 -14.45 6.61
N THR E 7 -1.80 -15.34 5.99
CA THR E 7 -1.19 -16.49 6.71
C THR E 7 -0.10 -15.97 7.66
N PRO F 1 13.36 -0.18 -3.05
CA PRO F 1 13.65 1.25 -2.90
C PRO F 1 12.48 2.01 -2.26
N 0A1 F 2 12.77 3.14 -1.63
CA 0A1 F 2 11.74 3.95 -0.95
CB 0A1 F 2 12.22 4.35 0.46
CG 0A1 F 2 12.42 3.20 1.40
CD1 0A1 F 2 13.65 2.57 1.51
CE1 0A1 F 2 13.85 1.52 2.38
CZ 0A1 F 2 12.79 1.08 3.16
OH 0A1 F 2 12.96 0.03 4.03
CM 0A1 F 2 11.99 -1.00 4.01
CE2 0A1 F 2 11.56 1.68 3.07
CD2 0A1 F 2 11.38 2.74 2.19
C 0A1 F 2 11.42 5.17 -1.75
O 0A1 F 2 12.34 5.76 -2.34
N VAL F 3 10.14 5.55 -1.80
CA VAL F 3 9.70 6.76 -2.55
C VAL F 3 8.82 7.59 -1.60
N PSA F 4 9.25 8.77 -1.18
CA PSA F 4 8.45 9.56 -0.28
CB PSA F 4 9.24 9.81 1.00
CG PSA F 4 9.46 8.52 1.77
CD1 PSA F 4 8.40 7.90 2.41
CD2 PSA F 4 10.73 7.98 1.85
CE1 PSA F 4 8.62 6.72 3.12
CE2 PSA F 4 10.94 6.80 2.55
CZ PSA F 4 9.89 6.18 3.19
CH PSA F 4 8.04 10.89 -0.91
OH PSA F 4 9.14 11.48 -1.60
CM PSA F 4 6.89 10.70 -1.89
C PSA F 4 6.28 12.03 -2.24
O PSA F 4 6.04 12.86 -1.33
N ALA F 5 6.00 12.25 -3.51
CA ALA F 5 5.09 13.34 -3.95
C ALA F 5 3.84 13.35 -3.05
N MET F 6 3.66 14.43 -2.28
CA MET F 6 2.49 14.56 -1.39
C MET F 6 1.81 15.90 -1.67
N THR F 7 1.60 16.22 -2.94
CA THR F 7 0.95 17.50 -3.35
C THR F 7 -0.34 17.68 -2.54
OH2 1PE G . 21.53 12.11 -32.40
C12 1PE G . 20.16 11.78 -32.12
C22 1PE G . 19.70 12.56 -30.90
OH3 1PE G . 18.31 12.87 -31.02
C13 1PE G . 17.17 14.30 -29.44
C23 1PE G . 18.04 14.23 -30.68
OH4 1PE G . 18.02 14.41 -28.31
C14 1PE G . 18.74 16.13 -26.76
C24 1PE G . 17.56 15.41 -27.40
OH5 1PE G . 19.87 15.27 -26.65
C15 1PE G . 21.62 16.59 -27.64
C25 1PE G . 20.72 15.38 -27.79
OH6 1PE G . 22.95 16.26 -28.05
C16 1PE G . 25.27 16.88 -28.15
C26 1PE G . 23.91 17.15 -27.52
OH7 1PE G . 25.83 18.10 -28.63
OH2 1PE H . -9.66 -26.93 -25.46
C12 1PE H . -8.60 -27.76 -24.96
C22 1PE H . -9.01 -28.37 -23.62
OH3 1PE H . -8.08 -27.98 -22.60
C13 1PE H . -8.34 -29.82 -21.06
C23 1PE H . -7.42 -29.11 -22.04
OH4 1PE H . -7.66 -30.03 -19.83
C14 1PE H . -8.10 -31.42 -17.93
C24 1PE H . -7.69 -31.38 -19.40
OH5 1PE H . -9.52 -31.47 -17.83
C15 1PE H . -11.22 -33.16 -18.28
C25 1PE H . -10.10 -32.31 -18.84
OH6 1PE H . -12.25 -33.27 -19.27
C16 1PE H . -14.26 -34.32 -20.02
C26 1PE H . -13.33 -34.08 -18.83
OH7 1PE H . -15.32 -35.20 -19.64
#